data_2BDY
#
_entry.id   2BDY
#
_cell.length_a   69.918
_cell.length_b   71.649
_cell.length_c   71.234
_cell.angle_alpha   90.000
_cell.angle_beta   99.560
_cell.angle_gamma   90.000
#
_symmetry.space_group_name_H-M   'C 1 2 1'
#
loop_
_entity.id
_entity.type
_entity.pdbx_description
1 polymer Thrombin
2 polymer "Hirudin IIIB'"
3 non-polymer 'SODIUM ION'
4 non-polymer N-(4-CARBAMIMIDOYL-BENZYL)-2-[2-HYDROXY-6-METHYL-3-(NAPHTHALENE-1-SULFONYLAMINO)-PHENYL]-ACETAMIDE
5 water water
#
loop_
_entity_poly.entity_id
_entity_poly.type
_entity_poly.pdbx_seq_one_letter_code
_entity_poly.pdbx_strand_id
1 'polypeptide(L)'
;ADCGLRPLFEKKSLEDKTERELLESYIDGRIVEGSDAEIGMSPWQVMLFRKSPQELLCGASLISDRWVLTAAHCLLYPPW
DKNFTENDLLVRIGKHSRTRYERNIEKISMLEKIYIHPRYNWRENLDRDIALMKLKKPVAFSDYIHPVCLPDRETAASLL
QAGYKGRVTGWGNLKETWTANVGKGQPSVLQVVNLPIVERPVCKDSTRIRITDNMFCAGYKPDEGKRGDACEGDSGGPFV
MKSPFNNRWYQMGIVSWGEGCDRDGKYGFYTHVFRLKKWIQKVIDQFGE
;
A
2 'polypeptide(L)' DFEEIPEE(TYS)L B
#
loop_
_chem_comp.id
_chem_comp.type
_chem_comp.name
_chem_comp.formula
NA non-polymer 'SODIUM ION' 'Na 1'
UNB non-polymer N-(4-CARBAMIMIDOYL-BENZYL)-2-[2-HYDROXY-6-METHYL-3-(NAPHTHALENE-1-SULFONYLAMINO)-PHENYL]-ACETAMIDE 'C27 H26 N4 O4 S'
#
# COMPACT_ATOMS: atom_id res chain seq x y z
N ALA A 1 6.27 12.95 14.84
CA ALA A 1 5.99 14.03 13.84
C ALA A 1 4.46 14.20 13.70
N ASP A 2 4.05 14.61 12.51
CA ASP A 2 2.65 14.82 12.16
C ASP A 2 2.11 13.66 11.29
N CYS A 3 2.83 12.54 11.33
CA CYS A 3 2.46 11.42 10.48
C CYS A 3 1.06 10.91 10.80
N GLY A 4 0.39 10.45 9.77
CA GLY A 4 -0.86 9.74 9.93
C GLY A 4 -2.07 10.58 10.32
N LEU A 5 -1.94 11.90 10.24
CA LEU A 5 -3.03 12.83 10.49
C LEU A 5 -3.33 13.54 9.19
N ARG A 6 -4.49 13.26 8.63
CA ARG A 6 -4.81 13.68 7.26
C ARG A 6 -5.33 15.09 7.25
N PRO A 7 -4.76 15.95 6.42
CA PRO A 7 -5.25 17.34 6.36
C PRO A 7 -6.75 17.49 6.17
N LEU A 8 -7.37 16.62 5.36
CA LEU A 8 -8.78 16.78 5.01
C LEU A 8 -9.74 16.03 5.96
N PHE A 9 -9.15 15.35 6.94
CA PHE A 9 -9.92 14.57 7.89
C PHE A 9 -9.47 14.87 9.32
N GLU A 10 -8.49 14.15 9.87
CA GLU A 10 -8.15 14.31 11.29
C GLU A 10 -7.79 15.74 11.63
N LYS A 11 -7.04 16.40 10.76
CA LYS A 11 -6.61 17.77 11.03
C LYS A 11 -7.76 18.77 11.18
N LYS A 12 -8.87 18.54 10.48
CA LYS A 12 -10.08 19.38 10.59
C LYS A 12 -11.22 18.69 11.32
N SER A 13 -10.91 17.58 11.98
CA SER A 13 -11.89 16.77 12.70
C SER A 13 -13.11 16.38 11.87
N LEU A 14 -12.85 15.92 10.64
CA LEU A 14 -13.86 15.26 9.83
C LEU A 14 -13.49 13.79 9.72
N GLU A 15 -14.51 12.94 9.75
CA GLU A 15 -14.38 11.50 9.57
C GLU A 15 -14.73 11.15 8.13
N ASP A 16 -14.01 10.19 7.57
CA ASP A 16 -14.39 9.67 6.27
C ASP A 16 -15.52 8.65 6.45
N LYS A 17 -16.14 8.25 5.35
CA LYS A 17 -17.38 7.47 5.40
C LYS A 17 -17.24 6.06 5.99
N THR A 18 -16.05 5.45 6.01
CA THR A 18 -15.94 4.09 6.55
C THR A 18 -14.93 3.86 7.65
N GLU A 19 -14.26 4.90 8.13
CA GLU A 19 -13.27 4.70 9.16
C GLU A 19 -13.88 4.10 10.46
N ARG A 20 -15.14 4.43 10.74
CA ARG A 20 -15.84 3.89 11.90
C ARG A 20 -15.90 2.37 11.89
N GLU A 21 -15.98 1.77 10.70
CA GLU A 21 -15.92 0.33 10.54
C GLU A 21 -14.65 -0.29 11.13
N LEU A 22 -13.53 0.41 10.95
CA LEU A 22 -12.27 -0.03 11.52
C LEU A 22 -12.33 0.04 13.05
N LEU A 23 -12.72 1.19 13.60
CA LEU A 23 -12.84 1.36 15.05
C LEU A 23 -13.75 0.30 15.69
N GLU A 24 -14.86 0.01 15.04
CA GLU A 24 -15.84 -0.93 15.58
C GLU A 24 -15.29 -2.34 15.63
N SER A 25 -14.32 -2.62 14.78
CA SER A 25 -13.65 -3.93 14.79
C SER A 25 -12.58 -4.09 15.87
N TYR A 26 -12.14 -2.98 16.47
CA TYR A 26 -11.06 -3.05 17.48
C TYR A 26 -11.68 -3.29 18.85
N ILE A 27 -12.22 -4.48 19.01
CA ILE A 27 -13.04 -4.83 20.16
C ILE A 27 -12.19 -5.08 21.38
N ILE A 31 -8.24 -3.14 -6.85
CA ILE A 31 -9.12 -3.44 -5.70
C ILE A 31 -10.44 -4.00 -6.21
N VAL A 32 -10.82 -5.16 -5.70
CA VAL A 32 -12.08 -5.83 -6.05
C VAL A 32 -13.09 -5.64 -4.93
N GLU A 33 -14.30 -5.23 -5.30
CA GLU A 33 -15.38 -5.04 -4.34
C GLU A 33 -15.07 -3.93 -3.33
N GLY A 34 -14.34 -2.92 -3.79
CA GLY A 34 -14.09 -1.72 -3.02
C GLY A 34 -15.02 -0.61 -3.46
N SER A 35 -14.68 0.62 -3.08
CA SER A 35 -15.40 1.84 -3.42
C SER A 35 -14.41 2.91 -3.81
N ASP A 36 -14.87 3.95 -4.49
CA ASP A 36 -14.06 5.12 -4.77
C ASP A 36 -13.59 5.71 -3.45
N ALA A 37 -12.33 6.11 -3.41
CA ALA A 37 -11.81 6.82 -2.25
C ALA A 37 -12.42 8.22 -2.22
N GLU A 38 -12.52 8.80 -1.04
CA GLU A 38 -12.84 10.21 -0.91
C GLU A 38 -11.57 11.02 -1.19
N ILE A 39 -11.76 12.28 -1.57
CA ILE A 39 -10.62 13.18 -1.77
C ILE A 39 -9.81 13.32 -0.47
N GLY A 40 -8.51 13.08 -0.56
CA GLY A 40 -7.60 13.20 0.57
C GLY A 40 -7.73 12.10 1.61
N MET A 41 -8.43 11.02 1.26
CA MET A 41 -8.64 9.91 2.17
C MET A 41 -7.37 9.15 2.48
N SER A 42 -6.47 9.08 1.50
CA SER A 42 -5.24 8.35 1.63
C SER A 42 -4.08 9.19 1.08
N PRO A 43 -3.74 10.26 1.78
CA PRO A 43 -2.77 11.23 1.24
C PRO A 43 -1.35 10.73 1.18
N TRP A 44 -1.11 9.53 1.74
CA TRP A 44 0.19 8.84 1.64
C TRP A 44 0.26 7.93 0.42
N GLN A 45 -0.84 7.78 -0.30
CA GLN A 45 -0.87 6.87 -1.45
C GLN A 45 0.08 7.37 -2.51
N VAL A 46 0.86 6.44 -3.05
CA VAL A 46 1.81 6.78 -4.12
C VAL A 46 1.58 5.83 -5.29
N MET A 47 1.73 6.36 -6.51
CA MET A 47 1.66 5.55 -7.72
C MET A 47 3.07 5.44 -8.26
N LEU A 48 3.52 4.22 -8.44
CA LEU A 48 4.77 3.94 -9.13
C LEU A 48 4.43 3.87 -10.61
N PHE A 49 5.11 4.70 -11.38
CA PHE A 49 4.73 4.99 -12.75
C PHE A 49 5.91 4.70 -13.67
N ARG A 50 5.68 3.85 -14.65
CA ARG A 50 6.67 3.57 -15.68
C ARG A 50 6.73 4.72 -16.69
N LYS A 51 7.96 5.11 -17.03
CA LYS A 51 8.21 6.18 -18.00
C LYS A 51 7.93 5.73 -19.44
N SER A 52 8.54 4.60 -19.83
CA SER A 52 8.62 4.17 -21.24
C SER A 52 7.24 3.84 -21.81
N PRO A 53 6.71 2.61 -21.73
CA PRO A 53 5.26 2.52 -21.85
C PRO A 53 4.74 3.22 -20.58
N GLN A 54 4.19 4.42 -20.75
CA GLN A 54 3.67 5.20 -19.64
C GLN A 54 2.52 4.40 -19.09
N GLU A 55 2.73 3.79 -17.92
CA GLU A 55 1.70 2.95 -17.32
C GLU A 55 1.92 2.84 -15.81
N LEU A 56 0.86 2.42 -15.12
CA LEU A 56 0.95 2.06 -13.71
C LEU A 56 1.85 0.86 -13.56
N LEU A 57 2.80 0.93 -12.63
CA LEU A 57 3.60 -0.22 -12.24
C LEU A 57 3.12 -0.81 -10.93
N CYS A 58 2.79 0.04 -9.97
CA CYS A 58 2.44 -0.46 -8.64
C CYS A 58 1.94 0.67 -7.76
N GLY A 59 1.39 0.31 -6.60
CA GLY A 59 1.20 1.24 -5.52
C GLY A 59 2.43 1.34 -4.62
N ALA A 60 2.35 2.24 -3.65
CA ALA A 60 3.47 2.59 -2.80
C ALA A 60 2.91 3.53 -1.75
N SER A 61 3.73 3.93 -0.79
CA SER A 61 3.30 4.85 0.24
C SER A 61 4.40 5.84 0.64
N LEU A 62 3.96 7.00 1.11
CA LEU A 62 4.87 8.06 1.49
C LEU A 62 5.06 8.00 2.98
N ILE A 63 6.30 7.82 3.41
CA ILE A 63 6.58 7.68 4.84
C ILE A 63 7.36 8.84 5.42
N SER A 64 7.83 9.73 4.54
CA SER A 64 8.46 11.02 4.91
C SER A 64 8.54 11.88 3.65
N ASP A 65 9.18 13.05 3.72
CA ASP A 65 9.23 13.90 2.53
C ASP A 65 10.16 13.37 1.43
N ARG A 66 10.99 12.37 1.74
CA ARG A 66 11.95 11.84 0.79
C ARG A 66 11.94 10.31 0.61
N TRP A 67 11.07 9.61 1.33
CA TRP A 67 11.12 8.14 1.36
C TRP A 67 9.77 7.54 1.05
N VAL A 68 9.78 6.58 0.13
CA VAL A 68 8.59 5.89 -0.32
C VAL A 68 8.77 4.39 -0.08
N LEU A 69 7.72 3.75 0.42
CA LEU A 69 7.74 2.33 0.74
C LEU A 69 6.93 1.58 -0.31
N THR A 70 7.45 0.43 -0.76
CA THR A 70 6.69 -0.41 -1.68
C THR A 70 7.05 -1.89 -1.49
N ALA A 71 6.48 -2.74 -2.32
CA ALA A 71 6.81 -4.18 -2.32
C ALA A 71 8.07 -4.36 -3.18
N ALA A 72 9.00 -5.20 -2.73
CA ALA A 72 10.18 -5.55 -3.52
C ALA A 72 9.82 -6.07 -4.90
N HIS A 73 8.76 -6.87 -5.03
CA HIS A 73 8.42 -7.48 -6.31
C HIS A 73 7.89 -6.48 -7.33
N CYS A 74 7.55 -5.26 -6.88
CA CYS A 74 7.28 -4.15 -7.78
C CYS A 74 8.48 -3.71 -8.58
N LEU A 75 9.67 -3.94 -8.03
CA LEU A 75 10.94 -3.50 -8.62
C LEU A 75 11.81 -4.65 -9.13
N LEU A 76 11.73 -5.81 -8.47
CA LEU A 76 12.65 -6.92 -8.75
C LEU A 76 11.88 -8.22 -8.66
N TYR A 77 11.73 -8.89 -9.79
CA TYR A 77 11.21 -10.24 -9.79
C TYR A 77 11.77 -10.98 -11.01
N PRO A 78 12.96 -11.56 -10.86
CA PRO A 78 13.64 -12.25 -11.98
C PRO A 78 12.83 -13.26 -12.77
N PRO A 79 11.94 -14.06 -12.19
CA PRO A 79 11.16 -15.01 -12.98
C PRO A 79 10.34 -14.37 -14.10
N TRP A 80 10.01 -13.09 -13.96
CA TRP A 80 9.25 -12.34 -14.96
C TRP A 80 10.10 -11.29 -15.65
N ASP A 81 11.42 -11.42 -15.52
CA ASP A 81 12.38 -10.48 -16.11
C ASP A 81 12.17 -9.02 -15.68
N LYS A 82 11.79 -8.86 -14.42
CA LYS A 82 11.59 -7.55 -13.81
C LYS A 82 12.79 -7.18 -12.96
N ASN A 83 13.42 -6.07 -13.31
CA ASN A 83 14.53 -5.53 -12.57
C ASN A 83 14.68 -4.05 -12.94
N PHE A 84 13.78 -3.22 -12.42
CA PHE A 84 13.83 -1.78 -12.66
C PHE A 84 15.01 -1.07 -12.01
N THR A 85 15.57 -0.09 -12.72
CA THR A 85 16.51 0.85 -12.13
C THR A 85 15.80 2.18 -11.89
N GLU A 86 16.47 3.02 -11.14
CA GLU A 86 15.95 4.31 -10.71
C GLU A 86 15.39 5.14 -11.88
N ASN A 87 16.07 5.10 -13.02
CA ASN A 87 15.72 5.93 -14.17
C ASN A 87 14.51 5.42 -14.94
N ASP A 88 14.15 4.16 -14.75
CA ASP A 88 13.01 3.57 -15.44
C ASP A 88 11.66 4.12 -15.00
N LEU A 89 11.63 4.81 -13.86
CA LEU A 89 10.33 5.18 -13.32
C LEU A 89 10.24 6.47 -12.50
N LEU A 90 9.00 6.87 -12.27
CA LEU A 90 8.65 8.04 -11.48
C LEU A 90 7.70 7.63 -10.37
N VAL A 91 7.62 8.44 -9.32
CA VAL A 91 6.56 8.27 -8.32
C VAL A 91 5.64 9.49 -8.45
N ARG A 92 4.34 9.24 -8.39
CA ARG A 92 3.30 10.25 -8.47
C ARG A 92 2.47 10.26 -7.19
N ILE A 93 2.39 11.43 -6.57
CA ILE A 93 2.02 11.56 -5.18
C ILE A 93 0.88 12.57 -5.15
N GLY A 94 -0.13 12.29 -4.35
CA GLY A 94 -1.28 13.18 -4.25
C GLY A 94 -2.38 12.89 -5.25
N LYS A 95 -2.32 11.74 -5.91
CA LYS A 95 -3.27 11.38 -6.93
C LYS A 95 -4.58 10.83 -6.42
N HIS A 96 -5.59 10.94 -7.27
CA HIS A 96 -6.88 10.36 -7.06
C HIS A 96 -7.32 9.65 -8.35
N SER A 97 -7.41 10.38 -9.44
CA SER A 97 -7.62 9.78 -10.77
C SER A 97 -6.43 8.88 -11.17
N ARG A 98 -6.76 7.73 -11.74
CA ARG A 98 -5.74 6.76 -12.20
C ARG A 98 -4.98 7.33 -13.37
N THR A 99 -5.70 7.74 -14.41
CA THR A 99 -5.09 8.14 -15.68
C THR A 99 -4.79 9.63 -15.88
N ARG A 100 -5.55 10.55 -15.31
CA ARG A 100 -5.32 11.97 -15.61
C ARG A 100 -4.10 12.49 -14.90
N TYR A 101 -3.43 13.43 -15.57
CA TYR A 101 -2.47 14.29 -14.92
C TYR A 101 -3.23 15.36 -14.11
N GLU A 102 -3.05 15.31 -12.79
CA GLU A 102 -3.89 16.10 -11.89
C GLU A 102 -3.14 17.36 -11.57
N ARG A 103 -3.34 18.31 -12.47
CA ARG A 103 -2.64 19.56 -12.44
C ARG A 103 -2.95 20.31 -11.16
N ASN A 104 -1.90 20.85 -10.53
CA ASN A 104 -1.95 21.66 -9.31
C ASN A 104 -2.21 20.83 -8.05
N ILE A 105 -2.20 19.50 -8.19
CA ILE A 105 -2.53 18.60 -7.07
C ILE A 105 -1.47 17.53 -6.88
N GLU A 106 -1.26 16.72 -7.91
CA GLU A 106 -0.24 15.69 -7.80
C GLU A 106 1.13 16.30 -7.99
N LYS A 107 2.12 15.61 -7.43
CA LYS A 107 3.49 15.97 -7.60
C LYS A 107 4.18 14.70 -8.09
N ILE A 108 5.08 14.88 -9.04
CA ILE A 108 5.79 13.79 -9.69
C ILE A 108 7.26 13.90 -9.29
N SER A 109 7.79 12.86 -8.69
CA SER A 109 9.16 12.86 -8.19
C SER A 109 9.99 11.78 -8.89
N MET A 110 11.27 12.05 -9.05
CA MET A 110 12.23 11.12 -9.63
C MET A 110 12.91 10.39 -8.48
N LEU A 111 13.45 9.21 -8.75
CA LEU A 111 14.08 8.40 -7.72
C LEU A 111 15.58 8.63 -7.68
N GLU A 112 16.13 8.85 -6.50
CA GLU A 112 17.57 8.85 -6.29
C GLU A 112 18.13 7.44 -6.22
N LYS A 113 17.50 6.59 -5.40
CA LYS A 113 18.03 5.25 -5.15
C LYS A 113 16.93 4.31 -4.67
N ILE A 114 16.99 3.07 -5.14
CA ILE A 114 16.11 1.98 -4.72
C ILE A 114 16.89 1.08 -3.77
N TYR A 115 16.25 0.67 -2.67
CA TYR A 115 16.83 -0.29 -1.74
C TYR A 115 15.88 -1.44 -1.58
N ILE A 116 16.32 -2.65 -1.96
CA ILE A 116 15.51 -3.86 -1.81
C ILE A 116 16.02 -4.60 -0.60
N HIS A 117 15.12 -5.18 0.19
CA HIS A 117 15.54 -5.93 1.37
C HIS A 117 16.53 -6.99 0.88
N PRO A 118 17.70 -7.10 1.53
CA PRO A 118 18.73 -8.05 1.10
C PRO A 118 18.32 -9.54 1.20
N ARG A 119 17.34 -9.88 2.04
CA ARG A 119 16.82 -11.24 2.09
C ARG A 119 15.41 -11.40 1.55
N TYR A 120 15.02 -10.49 0.66
CA TYR A 120 13.80 -10.66 -0.10
C TYR A 120 13.90 -11.97 -0.88
N ASN A 121 12.97 -12.87 -0.60
CA ASN A 121 12.94 -14.20 -1.18
C ASN A 121 12.09 -14.29 -2.46
N TRP A 122 12.61 -13.75 -3.56
CA TRP A 122 11.93 -13.84 -4.85
C TRP A 122 11.99 -15.25 -5.43
N ARG A 123 12.92 -16.07 -4.93
CA ARG A 123 13.08 -17.44 -5.45
C ARG A 123 11.96 -18.36 -5.01
N GLU A 124 11.39 -18.12 -3.84
CA GLU A 124 10.42 -19.03 -3.28
C GLU A 124 9.04 -18.41 -3.03
N ASN A 125 8.90 -17.61 -1.98
CA ASN A 125 7.56 -17.29 -1.43
C ASN A 125 7.30 -15.80 -1.21
N LEU A 126 8.19 -14.96 -1.76
CA LEU A 126 8.12 -13.50 -1.58
C LEU A 126 8.26 -13.06 -0.13
N ASP A 127 8.97 -13.87 0.66
CA ASP A 127 9.33 -13.48 2.02
C ASP A 127 10.11 -12.18 2.03
N ARG A 128 9.75 -11.28 2.95
CA ARG A 128 10.37 -9.98 3.07
C ARG A 128 10.20 -9.15 1.79
N ASP A 129 8.95 -9.06 1.34
CA ASP A 129 8.57 -8.34 0.13
C ASP A 129 8.45 -6.85 0.41
N ILE A 130 9.59 -6.19 0.48
CA ILE A 130 9.68 -4.81 0.93
C ILE A 130 10.85 -4.11 0.26
N ALA A 131 10.62 -2.86 -0.11
CA ALA A 131 11.62 -2.03 -0.73
C ALA A 131 11.38 -0.57 -0.38
N LEU A 132 12.47 0.20 -0.31
CA LEU A 132 12.43 1.65 -0.12
C LEU A 132 12.94 2.36 -1.35
N MET A 133 12.37 3.55 -1.60
CA MET A 133 12.82 4.42 -2.69
C MET A 133 13.11 5.78 -2.08
N LYS A 134 14.35 6.26 -2.19
CA LYS A 134 14.67 7.64 -1.82
C LYS A 134 14.44 8.57 -3.01
N LEU A 135 13.74 9.66 -2.77
CA LEU A 135 13.43 10.62 -3.82
C LEU A 135 14.61 11.57 -4.01
N LYS A 136 14.76 12.09 -5.22
CA LYS A 136 15.80 13.08 -5.54
C LYS A 136 15.60 14.39 -4.79
N LYS A 137 14.35 14.86 -4.72
CA LYS A 137 13.99 16.09 -3.99
C LYS A 137 12.90 15.76 -2.97
N PRO A 138 12.88 16.43 -1.82
CA PRO A 138 11.74 16.32 -0.91
C PRO A 138 10.45 16.77 -1.58
N VAL A 139 9.34 16.10 -1.27
CA VAL A 139 8.06 16.47 -1.81
C VAL A 139 7.38 17.42 -0.81
N ALA A 140 6.68 18.41 -1.34
CA ALA A 140 5.96 19.35 -0.51
C ALA A 140 4.66 18.72 -0.06
N PHE A 141 4.42 18.72 1.25
CA PHE A 141 3.13 18.24 1.77
C PHE A 141 2.04 19.25 1.43
N SER A 142 0.85 18.71 1.31
CA SER A 142 -0.35 19.46 0.97
C SER A 142 -1.60 18.80 1.56
N ASP A 143 -2.78 19.31 1.21
CA ASP A 143 -4.04 18.64 1.58
C ASP A 143 -4.14 17.21 1.03
N TYR A 144 -3.43 16.95 -0.07
CA TYR A 144 -3.47 15.68 -0.78
C TYR A 144 -2.23 14.82 -0.62
N ILE A 145 -1.20 15.32 0.06
CA ILE A 145 0.08 14.65 0.19
C ILE A 145 0.55 14.78 1.63
N HIS A 146 0.62 13.64 2.30
CA HIS A 146 0.96 13.60 3.71
C HIS A 146 1.40 12.18 4.08
N PRO A 147 2.43 12.04 4.89
CA PRO A 147 2.96 10.71 5.22
C PRO A 147 2.13 9.94 6.24
N VAL A 148 2.13 8.64 6.06
CA VAL A 148 1.59 7.70 7.03
C VAL A 148 2.63 7.38 8.14
N CYS A 149 2.15 7.01 9.33
CA CYS A 149 3.08 6.49 10.36
C CYS A 149 3.49 5.03 10.15
N LEU A 150 4.69 4.69 10.62
CA LEU A 150 5.10 3.30 10.76
C LEU A 150 4.87 2.87 12.20
N PRO A 151 4.38 1.65 12.40
CA PRO A 151 4.02 1.18 13.74
C PRO A 151 5.21 0.94 14.68
N ASP A 152 5.02 1.27 15.96
CA ASP A 152 5.88 0.78 17.04
C ASP A 152 5.43 -0.61 17.45
N ARG A 153 6.23 -1.28 18.26
CA ARG A 153 5.93 -2.64 18.71
C ARG A 153 4.56 -2.76 19.38
N GLU A 154 4.20 -1.76 20.18
CA GLU A 154 2.98 -1.82 21.00
C GLU A 154 1.73 -1.60 20.14
N THR A 155 1.83 -0.67 19.19
CA THR A 155 0.72 -0.44 18.29
C THR A 155 0.51 -1.69 17.41
N ALA A 156 1.59 -2.30 16.96
CA ALA A 156 1.52 -3.51 16.15
C ALA A 156 0.87 -4.67 16.93
N ALA A 157 1.29 -4.86 18.17
CA ALA A 157 0.78 -5.97 18.98
C ALA A 157 -0.71 -5.77 19.29
N SER A 158 -1.08 -4.53 19.61
CA SER A 158 -2.47 -4.24 19.96
C SER A 158 -3.46 -4.34 18.80
N LEU A 159 -3.03 -4.00 17.59
CA LEU A 159 -3.91 -3.87 16.44
C LEU A 159 -3.86 -5.05 15.47
N LEU A 160 -2.73 -5.77 15.44
CA LEU A 160 -2.62 -6.91 14.51
C LEU A 160 -3.22 -8.14 15.16
N GLN A 161 -4.53 -8.15 15.21
CA GLN A 161 -5.30 -9.21 15.83
C GLN A 161 -6.38 -9.63 14.86
N ALA A 162 -6.67 -10.93 14.83
CA ALA A 162 -7.69 -11.46 13.96
C ALA A 162 -9.03 -10.76 14.19
N GLY A 163 -9.69 -10.38 13.10
CA GLY A 163 -10.98 -9.71 13.16
C GLY A 163 -10.83 -8.21 13.04
N TYR A 164 -9.71 -7.68 13.52
CA TYR A 164 -9.43 -6.24 13.42
C TYR A 164 -9.22 -5.90 11.95
N LYS A 165 -9.91 -4.85 11.51
CA LYS A 165 -9.87 -4.43 10.13
C LYS A 165 -8.81 -3.36 9.89
N GLY A 166 -8.19 -3.49 8.72
CA GLY A 166 -7.42 -2.41 8.13
C GLY A 166 -7.98 -2.06 6.77
N ARG A 167 -7.27 -1.20 6.07
CA ARG A 167 -7.76 -0.62 4.86
C ARG A 167 -6.68 -0.68 3.80
N VAL A 168 -7.10 -1.10 2.61
CA VAL A 168 -6.22 -1.23 1.47
C VAL A 168 -6.70 -0.32 0.35
N THR A 169 -5.75 0.30 -0.34
CA THR A 169 -6.07 1.27 -1.38
C THR A 169 -5.20 0.99 -2.59
N GLY A 170 -5.72 1.26 -3.79
CA GLY A 170 -4.94 1.17 -5.00
C GLY A 170 -5.73 1.39 -6.29
N TRP A 171 -5.01 1.45 -7.41
CA TRP A 171 -5.59 1.69 -8.72
C TRP A 171 -5.53 0.42 -9.58
N GLY A 172 -5.49 -0.73 -8.92
CA GLY A 172 -5.35 -2.00 -9.62
C GLY A 172 -6.69 -2.50 -10.13
N ASN A 173 -6.66 -3.69 -10.74
CA ASN A 173 -7.85 -4.28 -11.34
C ASN A 173 -9.03 -4.35 -10.36
N LEU A 174 -10.21 -4.03 -10.89
CA LEU A 174 -11.48 -4.21 -10.19
C LEU A 174 -11.94 -5.66 -10.24
N LYS A 175 -11.41 -6.43 -11.19
CA LYS A 175 -11.75 -7.84 -11.30
C LYS A 175 -10.51 -8.67 -11.58
N GLU A 176 -10.54 -9.92 -11.16
CA GLU A 176 -9.45 -10.85 -11.43
C GLU A 176 -9.15 -10.97 -12.93
N THR A 177 -10.20 -11.10 -13.75
CA THR A 177 -10.04 -11.08 -15.21
C THR A 177 -11.06 -10.15 -15.89
N GLY A 185 -11.91 -4.94 -15.28
CA GLY A 185 -11.72 -3.53 -15.71
C GLY A 185 -10.82 -2.77 -14.75
N GLN A 186 -10.51 -1.53 -15.13
CA GLN A 186 -9.66 -0.66 -14.34
C GLN A 186 -10.49 0.53 -13.83
N PRO A 187 -10.15 1.05 -12.65
CA PRO A 187 -10.88 2.16 -12.04
C PRO A 187 -10.53 3.56 -12.60
N SER A 188 -11.49 4.48 -12.55
CA SER A 188 -11.22 5.88 -12.96
C SER A 188 -10.50 6.60 -11.82
N VAL A 189 -10.82 6.20 -10.59
CA VAL A 189 -10.14 6.78 -9.43
C VAL A 189 -9.70 5.74 -8.40
N LEU A 190 -8.87 6.21 -7.47
CA LEU A 190 -8.33 5.36 -6.42
C LEU A 190 -9.43 4.63 -5.69
N GLN A 191 -9.23 3.34 -5.43
CA GLN A 191 -10.21 2.47 -4.77
C GLN A 191 -9.77 2.13 -3.36
N VAL A 192 -10.74 1.80 -2.51
CA VAL A 192 -10.50 1.54 -1.09
C VAL A 192 -11.38 0.38 -0.62
N VAL A 193 -10.84 -0.48 0.22
CA VAL A 193 -11.61 -1.52 0.87
C VAL A 193 -11.09 -1.78 2.28
N ASN A 194 -12.01 -1.97 3.23
CA ASN A 194 -11.67 -2.35 4.59
C ASN A 194 -11.81 -3.83 4.73
N LEU A 195 -10.79 -4.46 5.30
CA LEU A 195 -10.75 -5.92 5.39
C LEU A 195 -10.23 -6.38 6.71
N PRO A 196 -10.81 -7.44 7.25
CA PRO A 196 -10.36 -7.99 8.54
C PRO A 196 -9.10 -8.87 8.45
N ILE A 197 -8.20 -8.70 9.41
CA ILE A 197 -7.05 -9.58 9.56
C ILE A 197 -7.52 -11.00 9.88
N VAL A 198 -6.84 -12.02 9.34
CA VAL A 198 -7.29 -13.41 9.50
C VAL A 198 -6.32 -14.21 10.38
N GLU A 199 -6.88 -15.15 11.16
CA GLU A 199 -6.10 -16.03 12.03
C GLU A 199 -5.04 -16.73 11.19
N ARG A 200 -3.84 -16.87 11.74
CA ARG A 200 -2.70 -17.40 11.00
C ARG A 200 -2.93 -18.85 10.49
N PRO A 201 -3.57 -19.71 11.27
CA PRO A 201 -3.93 -21.05 10.75
C PRO A 201 -4.85 -21.04 9.53
N VAL A 202 -5.84 -20.15 9.49
CA VAL A 202 -6.73 -20.03 8.35
C VAL A 202 -5.94 -19.54 7.12
N CYS A 203 -5.05 -18.58 7.31
CA CYS A 203 -4.18 -18.11 6.24
C CYS A 203 -3.37 -19.28 5.67
N LYS A 204 -2.74 -20.04 6.55
CA LYS A 204 -1.88 -21.14 6.14
C LYS A 204 -2.66 -22.22 5.39
N ASP A 205 -3.89 -22.46 5.81
CA ASP A 205 -4.73 -23.55 5.24
C ASP A 205 -5.40 -23.19 3.92
N SER A 206 -5.26 -21.93 3.48
CA SER A 206 -5.88 -21.45 2.26
C SER A 206 -4.93 -21.56 1.08
N THR A 207 -3.68 -21.97 1.32
CA THR A 207 -2.65 -21.92 0.29
C THR A 207 -1.61 -23.03 0.45
N ARG A 208 -0.94 -23.30 -0.66
CA ARG A 208 0.21 -24.21 -0.73
C ARG A 208 1.53 -23.48 -0.52
N ILE A 209 1.50 -22.16 -0.54
CA ILE A 209 2.70 -21.35 -0.36
C ILE A 209 3.13 -21.40 1.11
N ARG A 210 4.43 -21.45 1.35
CA ARG A 210 4.98 -21.43 2.70
C ARG A 210 4.90 -19.99 3.24
N ILE A 211 4.06 -19.79 4.26
CA ILE A 211 3.83 -18.47 4.87
C ILE A 211 4.85 -18.27 5.98
N THR A 212 5.36 -17.06 6.14
CA THR A 212 6.31 -16.73 7.19
C THR A 212 5.74 -15.70 8.15
N ASP A 213 6.50 -15.46 9.22
CA ASP A 213 6.11 -14.47 10.22
C ASP A 213 6.20 -13.05 9.65
N ASN A 214 6.85 -12.89 8.50
CA ASN A 214 6.93 -11.57 7.82
C ASN A 214 5.75 -11.28 6.88
N MET A 215 4.73 -12.11 6.97
CA MET A 215 3.50 -12.00 6.24
C MET A 215 2.31 -12.08 7.19
N PHE A 216 1.21 -11.42 6.82
CA PHE A 216 -0.09 -11.70 7.41
C PHE A 216 -1.11 -11.69 6.27
N CYS A 217 -2.27 -12.27 6.53
CA CYS A 217 -3.36 -12.25 5.55
C CYS A 217 -4.64 -11.60 6.10
N ALA A 218 -5.46 -11.14 5.17
CA ALA A 218 -6.67 -10.42 5.50
C ALA A 218 -7.70 -10.66 4.41
N GLY A 219 -8.95 -10.45 4.77
CA GLY A 219 -10.07 -10.75 3.90
C GLY A 219 -11.17 -11.45 4.68
N TYR A 220 -12.37 -11.40 4.11
CA TYR A 220 -13.52 -12.07 4.70
C TYR A 220 -13.53 -13.54 4.29
N LYS A 221 -14.08 -14.35 5.19
CA LYS A 221 -14.31 -15.78 4.93
C LYS A 221 -15.59 -15.96 4.09
N PRO A 222 -15.68 -17.09 3.40
CA PRO A 222 -16.86 -17.37 2.55
C PRO A 222 -18.20 -17.22 3.29
N ASP A 223 -18.23 -17.62 4.57
CA ASP A 223 -19.45 -17.62 5.35
C ASP A 223 -19.81 -16.25 5.94
N GLU A 224 -18.88 -15.29 5.87
CA GLU A 224 -19.10 -13.95 6.42
C GLU A 224 -19.86 -13.04 5.44
N GLY A 225 -19.97 -13.44 4.18
CA GLY A 225 -20.82 -12.73 3.22
C GLY A 225 -20.19 -11.55 2.50
N LYS A 226 -19.57 -10.63 3.26
CA LYS A 226 -18.92 -9.45 2.70
C LYS A 226 -17.71 -9.86 1.85
N ARG A 227 -17.36 -9.05 0.87
CA ARG A 227 -16.26 -9.38 -0.04
C ARG A 227 -15.18 -8.29 -0.04
N GLY A 228 -14.14 -8.53 -0.84
CA GLY A 228 -13.16 -7.52 -1.14
C GLY A 228 -11.76 -8.07 -1.06
N ASP A 229 -10.88 -7.51 -1.87
CA ASP A 229 -9.49 -7.94 -1.97
C ASP A 229 -8.71 -6.94 -2.75
N ALA A 230 -7.40 -6.95 -2.57
CA ALA A 230 -6.50 -6.31 -3.49
C ALA A 230 -6.36 -7.22 -4.72
N CYS A 231 -5.69 -6.71 -5.73
CA CYS A 231 -5.51 -7.43 -7.00
C CYS A 231 -4.29 -6.93 -7.76
N GLU A 232 -4.02 -7.50 -8.94
CA GLU A 232 -2.97 -6.99 -9.82
C GLU A 232 -3.08 -5.48 -9.95
N GLY A 233 -1.94 -4.80 -9.78
CA GLY A 233 -1.82 -3.36 -9.88
C GLY A 233 -1.87 -2.67 -8.51
N ASP A 234 -2.40 -3.36 -7.51
CA ASP A 234 -2.44 -2.86 -6.11
C ASP A 234 -1.16 -3.15 -5.33
N SER A 235 -0.32 -4.04 -5.88
CA SER A 235 0.95 -4.39 -5.26
C SER A 235 1.71 -3.17 -4.78
N GLY A 236 2.28 -3.26 -3.57
CA GLY A 236 3.15 -2.24 -3.03
C GLY A 236 2.40 -1.17 -2.25
N GLY A 237 1.08 -1.14 -2.38
CA GLY A 237 0.26 -0.15 -1.70
C GLY A 237 0.08 -0.54 -0.25
N PRO A 238 -0.44 0.38 0.54
CA PRO A 238 -0.52 0.23 2.00
C PRO A 238 -1.76 -0.47 2.53
N PHE A 239 -1.55 -1.30 3.57
CA PHE A 239 -2.61 -1.81 4.44
C PHE A 239 -2.47 -1.00 5.73
N VAL A 240 -3.43 -0.14 5.99
CA VAL A 240 -3.34 0.81 7.11
C VAL A 240 -4.44 0.58 8.15
N MET A 241 -4.16 1.02 9.36
CA MET A 241 -5.07 0.89 10.49
C MET A 241 -5.07 2.23 11.23
N LYS A 242 -6.24 2.65 11.72
CA LYS A 242 -6.31 3.91 12.47
C LYS A 242 -6.27 3.59 13.93
N SER A 243 -5.20 4.02 14.60
CA SER A 243 -5.01 3.72 16.00
C SER A 243 -6.15 4.36 16.81
N PRO A 244 -6.82 3.57 17.63
CA PRO A 244 -7.84 4.13 18.53
C PRO A 244 -7.24 4.84 19.74
N PHE A 245 -5.93 4.74 19.93
CA PHE A 245 -5.23 5.37 21.04
C PHE A 245 -4.86 6.82 20.73
N ASN A 246 -4.41 7.08 19.49
CA ASN A 246 -3.94 8.43 19.15
C ASN A 246 -4.53 9.01 17.86
N ASN A 247 -5.54 8.32 17.32
CA ASN A 247 -6.23 8.66 16.07
C ASN A 247 -5.33 8.88 14.85
N ARG A 248 -4.18 8.21 14.82
CA ARG A 248 -3.24 8.35 13.69
C ARG A 248 -3.28 7.07 12.86
N TRP A 249 -3.11 7.22 11.57
CA TRP A 249 -3.02 6.07 10.68
C TRP A 249 -1.61 5.53 10.61
N TYR A 250 -1.54 4.21 10.71
CA TYR A 250 -0.30 3.44 10.72
C TYR A 250 -0.34 2.45 9.60
N GLN A 251 0.79 2.25 8.95
CA GLN A 251 0.86 1.26 7.89
C GLN A 251 1.38 -0.07 8.44
N MET A 252 0.48 -1.05 8.51
CA MET A 252 0.85 -2.34 9.06
C MET A 252 1.30 -3.32 8.01
N GLY A 253 0.82 -3.12 6.77
CA GLY A 253 1.11 -4.05 5.71
C GLY A 253 1.41 -3.39 4.38
N ILE A 254 1.98 -4.19 3.48
CA ILE A 254 2.20 -3.85 2.09
C ILE A 254 1.52 -4.92 1.24
N VAL A 255 0.72 -4.51 0.25
CA VAL A 255 0.09 -5.45 -0.65
C VAL A 255 1.19 -6.30 -1.31
N SER A 256 1.17 -7.60 -1.07
CA SER A 256 2.22 -8.50 -1.56
C SER A 256 1.67 -9.48 -2.59
N TRP A 257 0.87 -10.45 -2.16
CA TRP A 257 0.40 -11.47 -3.08
C TRP A 257 -0.95 -12.06 -2.72
N GLY A 258 -1.47 -12.82 -3.66
CA GLY A 258 -2.74 -13.51 -3.54
C GLY A 258 -2.93 -14.38 -4.76
N GLU A 259 -3.78 -15.38 -4.62
CA GLU A 259 -4.03 -16.35 -5.69
C GLU A 259 -5.36 -15.94 -6.28
N GLY A 260 -5.32 -15.36 -7.47
CA GLY A 260 -6.47 -14.65 -7.98
C GLY A 260 -6.80 -13.45 -7.10
N CYS A 261 -8.03 -12.98 -7.21
CA CYS A 261 -8.46 -11.80 -6.48
C CYS A 261 -9.91 -11.99 -6.06
N ASP A 262 -10.16 -11.89 -4.76
CA ASP A 262 -11.50 -11.97 -4.19
C ASP A 262 -12.13 -13.35 -4.43
N ARG A 263 -11.30 -14.39 -4.51
CA ARG A 263 -11.80 -15.77 -4.56
C ARG A 263 -12.28 -16.22 -3.19
N ASP A 264 -13.42 -16.91 -3.15
CA ASP A 264 -13.88 -17.55 -1.90
C ASP A 264 -12.80 -18.48 -1.40
N GLY A 265 -12.57 -18.48 -0.08
CA GLY A 265 -11.59 -19.34 0.55
C GLY A 265 -10.13 -18.92 0.40
N LYS A 266 -9.87 -17.84 -0.35
CA LYS A 266 -8.53 -17.29 -0.46
C LYS A 266 -8.46 -15.92 0.24
N TYR A 267 -7.25 -15.52 0.58
CA TYR A 267 -6.99 -14.29 1.33
C TYR A 267 -5.85 -13.53 0.66
N GLY A 268 -5.82 -12.23 0.90
CA GLY A 268 -4.71 -11.42 0.45
C GLY A 268 -3.61 -11.46 1.47
N PHE A 269 -2.38 -11.54 0.97
CA PHE A 269 -1.20 -11.55 1.80
C PHE A 269 -0.49 -10.24 1.71
N TYR A 270 0.02 -9.83 2.86
CA TYR A 270 0.66 -8.54 3.08
C TYR A 270 1.96 -8.68 3.84
N THR A 271 2.94 -7.87 3.42
CA THR A 271 4.20 -7.79 4.11
C THR A 271 3.97 -7.20 5.47
N HIS A 272 4.55 -7.83 6.49
CA HIS A 272 4.42 -7.41 7.90
C HIS A 272 5.42 -6.30 8.18
N VAL A 273 4.94 -5.05 8.10
CA VAL A 273 5.83 -3.90 8.14
C VAL A 273 6.60 -3.81 9.46
N PHE A 274 5.91 -4.04 10.58
CA PHE A 274 6.59 -3.92 11.84
C PHE A 274 7.77 -4.91 11.94
N ARG A 275 7.56 -6.14 11.50
CA ARG A 275 8.61 -7.16 11.58
C ARG A 275 9.87 -6.79 10.81
N LEU A 276 9.72 -5.91 9.82
CA LEU A 276 10.82 -5.50 8.98
C LEU A 276 11.26 -4.08 9.26
N LYS A 277 10.81 -3.51 10.37
CA LYS A 277 11.04 -2.10 10.61
C LYS A 277 12.49 -1.80 10.96
N LYS A 278 13.18 -2.74 11.61
CA LYS A 278 14.61 -2.57 11.90
C LYS A 278 15.38 -2.34 10.61
N TRP A 279 15.07 -3.09 9.55
CA TRP A 279 15.71 -2.89 8.26
C TRP A 279 15.34 -1.51 7.68
N ILE A 280 14.07 -1.13 7.77
CA ILE A 280 13.65 0.17 7.26
C ILE A 280 14.47 1.28 7.90
N GLN A 281 14.63 1.21 9.23
CA GLN A 281 15.29 2.26 9.97
C GLN A 281 16.77 2.24 9.67
N LYS A 282 17.32 1.05 9.46
CA LYS A 282 18.72 0.89 9.10
C LYS A 282 19.03 1.64 7.82
N VAL A 283 18.18 1.47 6.82
CA VAL A 283 18.33 2.13 5.53
C VAL A 283 18.19 3.65 5.64
N ILE A 284 17.18 4.10 6.38
CA ILE A 284 16.89 5.52 6.49
C ILE A 284 17.98 6.23 7.30
N ASP A 285 18.45 5.59 8.37
CA ASP A 285 19.58 6.09 9.15
C ASP A 285 20.84 6.13 8.29
N GLN A 286 20.90 5.24 7.31
CA GLN A 286 21.94 5.16 6.28
C GLN A 286 23.26 4.67 6.83
N ASP B 1 -3.86 4.33 -21.79
CA ASP B 1 -4.93 5.37 -21.68
C ASP B 1 -4.57 6.43 -20.63
N PHE B 2 -3.28 6.59 -20.39
CA PHE B 2 -2.79 7.55 -19.41
C PHE B 2 -2.53 8.88 -20.08
N GLU B 3 -3.09 9.94 -19.53
CA GLU B 3 -2.78 11.28 -19.97
C GLU B 3 -1.28 11.52 -19.88
N GLU B 4 -0.76 12.04 -20.98
CA GLU B 4 0.60 12.50 -21.09
C GLU B 4 0.94 13.37 -19.89
N ILE B 5 2.04 13.06 -19.21
CA ILE B 5 2.49 13.91 -18.14
C ILE B 5 3.45 14.93 -18.71
N PRO B 6 3.53 16.12 -18.11
CA PRO B 6 4.52 17.14 -18.50
C PRO B 6 5.91 16.55 -18.81
N GLU B 7 6.46 16.96 -19.95
CA GLU B 7 7.77 16.49 -20.39
C GLU B 7 8.93 16.84 -19.48
N GLU B 8 8.74 17.85 -18.63
CA GLU B 8 9.76 18.21 -17.64
C GLU B 8 10.07 17.09 -16.64
N TYS B 9 9.13 16.15 -16.47
CA TYS B 9 9.34 15.02 -15.56
CB TYS B 9 7.99 14.53 -15.00
CG TYS B 9 7.34 15.63 -14.19
CD1 TYS B 9 7.98 16.22 -13.11
CD2 TYS B 9 6.06 16.05 -14.55
CE1 TYS B 9 7.37 17.24 -12.39
CE2 TYS B 9 5.44 17.07 -13.85
CZ TYS B 9 6.08 17.65 -12.75
OH TYS B 9 5.44 18.67 -12.09
S TYS B 9 4.56 18.24 -10.88
O1 TYS B 9 3.49 17.40 -11.38
O2 TYS B 9 5.51 17.73 -9.90
O3 TYS B 9 4.00 19.50 -10.40
C TYS B 9 10.09 13.89 -16.23
O TYS B 9 10.07 12.78 -15.74
N LEU B 10 10.78 14.18 -17.34
CA LEU B 10 11.66 13.25 -18.06
C LEU B 10 10.88 12.15 -18.80
NA NA C . -11.51 -14.27 -0.55
C1 UNB D . 3.35 -17.75 -6.04
C2 UNB D . 2.57 -16.79 -5.38
C3 UNB D . 4.60 -18.11 -5.48
C4 UNB D . 2.89 -18.33 -7.26
S5 UNB D . 1.05 -16.33 -6.12
C6 UNB D . 3.03 -16.20 -4.22
C7 UNB D . 5.04 -17.51 -4.28
C8 UNB D . 5.38 -19.08 -6.17
C9 UNB D . 3.67 -19.25 -7.89
N10 UNB D . 1.41 -15.52 -7.52
O11 UNB D . 0.26 -17.45 -6.50
O12 UNB D . 0.52 -15.30 -5.26
C13 UNB D . 4.27 -16.56 -3.67
C14 UNB D . 4.90 -19.63 -7.34
C15 UNB D . 2.46 -14.57 -7.55
C16 UNB D . 2.24 -13.26 -7.10
C17 UNB D . 3.74 -14.91 -8.02
C18 UNB D . 3.27 -12.33 -7.14
O19 UNB D . 1.01 -12.91 -6.64
C20 UNB D . 4.77 -14.00 -8.06
C21 UNB D . 4.53 -12.69 -7.62
C22 UNB D . 2.99 -10.91 -6.65
C23 UNB D . 5.65 -11.68 -7.67
C24 UNB D . 1.82 -10.27 -7.39
N25 UNB D . 0.96 -9.53 -6.67
O26 UNB D . 1.69 -10.42 -8.59
C27 UNB D . -0.20 -8.89 -7.29
C28 UNB D . -1.34 -9.25 -6.39
C29 UNB D . -1.68 -8.43 -5.31
C30 UNB D . -2.04 -10.41 -6.60
C31 UNB D . -2.71 -8.80 -4.47
C32 UNB D . -3.09 -10.78 -5.79
C33 UNB D . -3.46 -9.95 -4.72
C34 UNB D . -4.58 -10.31 -3.83
N35 UNB D . -5.58 -11.15 -4.29
N36 UNB D . -4.65 -9.83 -2.61
#